data_8TJ0
#
_entry.id   8TJ0
#
_cell.length_a   72.955
_cell.length_b   132.788
_cell.length_c   133.193
_cell.angle_alpha   90.000
_cell.angle_beta   90.000
_cell.angle_gamma   90.000
#
_symmetry.space_group_name_H-M   'I 2 2 2'
#
loop_
_entity.id
_entity.type
_entity.pdbx_description
1 polymer "DNA (5'-D(A*CP*CP*CP*GP*GP*AP*CP*CP*TP*GP*TP*GP*AP*CP*AP*AP*AP*TP*TP*GP*CP*CP*CP*TP*CP*AP*GP*AP*CP*GP*G)-3')"
2 polymer "DNA (5'-D(A*GP*GP*CP*CP*GP*TP*CP*TP*GP*AP*GP*GP*GP*CP*AP*AP*TP*TP*TP*GP*TP*CP*AP*CP*AP*GP*GP*TP*CP*CP*G)-3')"
3 polymer 'Replication initiation protein'
4 non-polymer 'MAGNESIUM ION'
5 water water
#
loop_
_entity_poly.entity_id
_entity_poly.type
_entity_poly.pdbx_seq_one_letter_code
_entity_poly.pdbx_strand_id
1 'polydeoxyribonucleotide'
;(DA)(DC)(DC)(DC)(DG)(DG)(DA)(DC)(DC)(DT)(DG)(DT)(DG)(DA)(DC)(DA)(DA)(DA)(DT)(DT)
(DG)(DC)(DC)(DC)(DT)(DC)(DA)(DG)(DA)(DC)(DG)(DG)
;
A
2 'polydeoxyribonucleotide'
;(DA)(DG)(DG)(DC)(DC)(DG)(DT)(DC)(DT)(DG)(DA)(DG)(DG)(DG)(DC)(DA)(DA)(DT)(DT)(DT)
(DG)(DT)(DC)(DA)(DC)(DA)(DG)(DG)(DT)(DC)(DC)(DG)
;
B
3 'polypeptide(L)'
;MRGSHHHHHHGSMAETAVINHKKRKNSPRIVQSNDLTEAAYSLSRDQKRMLYLFVDQIRKSDGTLQEHDGICEIHVAKYA
EIFGLTSAEASKDIRQALKSFAGKEVVFYRPEEDAGDEKGYESFPWFIKPAHSPSRGLYSVHINPYLIPFFIGLQNRFTQ
FRLSETKEITNPYAMRLYESLCQYRKPDGSGIVSLKIDWIIERYQLPQSYQRMPDFRRRFLQVCVNEINSRTPMRLSYIE
KKKGRQTTHIVFSFRDITSMTTG
;
C
#
loop_
_chem_comp.id
_chem_comp.type
_chem_comp.name
_chem_comp.formula
DA DNA linking 2'-DEOXYADENOSINE-5'-MONOPHOSPHATE 'C10 H14 N5 O6 P'
DC DNA linking 2'-DEOXYCYTIDINE-5'-MONOPHOSPHATE 'C9 H14 N3 O7 P'
DG DNA linking 2'-DEOXYGUANOSINE-5'-MONOPHOSPHATE 'C10 H14 N5 O7 P'
DT DNA linking THYMIDINE-5'-MONOPHOSPHATE 'C10 H15 N2 O8 P'
MG non-polymer 'MAGNESIUM ION' 'Mg 2'
#
# COMPACT_ATOMS: atom_id res chain seq x y z
N SER C 27 -4.02 0.08 18.30
CA SER C 27 -4.40 0.81 17.08
C SER C 27 -5.11 -0.14 16.10
N PRO C 28 -5.80 0.41 15.08
CA PRO C 28 -6.63 -0.43 14.20
C PRO C 28 -5.81 -1.50 13.50
N ARG C 29 -6.32 -2.74 13.50
CA ARG C 29 -5.66 -3.87 12.85
C ARG C 29 -6.23 -4.00 11.43
N ILE C 30 -5.43 -3.63 10.43
CA ILE C 30 -5.76 -3.76 9.00
C ILE C 30 -5.64 -5.22 8.57
N VAL C 31 -6.64 -5.72 7.86
CA VAL C 31 -6.56 -7.00 7.16
C VAL C 31 -7.08 -6.84 5.73
N GLN C 32 -6.52 -7.62 4.81
CA GLN C 32 -6.95 -7.54 3.40
C GLN C 32 -6.68 -8.88 2.73
N SER C 33 -7.52 -9.21 1.75
CA SER C 33 -7.28 -10.40 0.96
C SER C 33 -5.92 -10.31 0.30
N ASN C 34 -5.22 -11.45 0.27
CA ASN C 34 -3.96 -11.48 -0.43
C ASN C 34 -4.12 -11.02 -1.88
N ASP C 35 -5.31 -11.16 -2.47
CA ASP C 35 -5.49 -10.70 -3.84
C ASP C 35 -5.26 -9.20 -3.97
N LEU C 36 -5.55 -8.42 -2.91
CA LEU C 36 -5.31 -6.98 -2.92
C LEU C 36 -3.84 -6.62 -2.67
N THR C 37 -3.15 -7.34 -1.76
CA THR C 37 -1.72 -7.13 -1.50
C THR C 37 -0.87 -7.28 -2.76
N GLU C 38 -1.24 -8.22 -3.64
CA GLU C 38 -0.49 -8.55 -4.84
C GLU C 38 -1.13 -7.99 -6.10
N ALA C 39 -2.12 -7.08 -5.95
CA ALA C 39 -2.80 -6.48 -7.10
C ALA C 39 -1.89 -5.43 -7.76
N ALA C 40 -2.17 -5.08 -9.03
CA ALA C 40 -1.40 -4.04 -9.71
C ALA C 40 -2.07 -2.68 -9.65
N TYR C 41 -1.40 -1.69 -9.06
CA TYR C 41 -2.00 -0.36 -9.01
C TYR C 41 -0.96 0.68 -8.64
N SER C 42 -1.32 1.94 -8.83
CA SER C 42 -0.43 3.04 -8.49
C SER C 42 -1.19 4.05 -7.64
N LEU C 43 -0.95 4.08 -6.34
CA LEU C 43 -1.60 5.06 -5.46
C LEU C 43 -0.56 5.82 -4.64
N SER C 44 -0.86 7.09 -4.32
CA SER C 44 0.01 7.85 -3.44
C SER C 44 -0.13 7.43 -1.99
N ARG C 45 0.78 7.97 -1.18
CA ARG C 45 0.68 7.77 0.26
C ARG C 45 -0.67 8.24 0.76
N ASP C 46 -1.06 9.47 0.42
CA ASP C 46 -2.35 9.95 0.91
C ASP C 46 -3.49 9.05 0.43
N GLN C 47 -3.43 8.61 -0.82
CA GLN C 47 -4.48 7.72 -1.30
C GLN C 47 -4.41 6.38 -0.59
N LYS C 48 -3.21 5.85 -0.41
CA LYS C 48 -3.07 4.58 0.30
C LYS C 48 -3.50 4.69 1.75
N ARG C 49 -3.23 5.83 2.39
CA ARG C 49 -3.67 6.04 3.77
C ARG C 49 -5.19 5.98 3.89
N MET C 50 -5.90 6.75 3.04
CA MET C 50 -7.36 6.69 2.99
C MET C 50 -7.86 5.27 2.70
N LEU C 51 -7.18 4.56 1.79
CA LEU C 51 -7.63 3.24 1.41
C LEU C 51 -7.66 2.33 2.62
N TYR C 52 -6.73 2.54 3.56
CA TYR C 52 -6.74 1.71 4.75
C TYR C 52 -8.01 1.93 5.54
N LEU C 53 -8.49 3.17 5.58
CA LEU C 53 -9.69 3.45 6.35
C LEU C 53 -10.90 2.88 5.63
N PHE C 54 -10.91 2.96 4.30
CA PHE C 54 -12.00 2.33 3.57
C PHE C 54 -12.10 0.84 3.89
N VAL C 55 -10.98 0.12 3.79
CA VAL C 55 -10.96 -1.31 4.11
C VAL C 55 -11.41 -1.56 5.56
N ASP C 56 -11.00 -0.69 6.50
CA ASP C 56 -11.46 -0.81 7.89
C ASP C 56 -12.95 -0.55 8.01
N GLN C 57 -13.42 0.50 7.33
CA GLN C 57 -14.83 0.83 7.42
C GLN C 57 -15.67 -0.28 6.82
N ILE C 58 -15.40 -0.62 5.55
CA ILE C 58 -16.10 -1.70 4.85
C ILE C 58 -16.08 -2.99 5.64
N ARG C 59 -14.91 -3.41 6.08
CA ARG C 59 -14.79 -4.73 6.70
C ARG C 59 -15.59 -4.85 8.00
N LYS C 60 -15.72 -3.75 8.74
CA LYS C 60 -16.45 -3.73 10.02
C LYS C 60 -17.92 -3.54 9.66
N SER C 61 -18.52 -4.64 9.22
CA SER C 61 -19.93 -4.74 8.82
C SER C 61 -20.38 -6.21 8.78
N ASP C 69 -22.75 -2.07 0.62
CA ASP C 69 -23.28 -1.26 -0.48
C ASP C 69 -22.16 -0.42 -1.12
N GLY C 70 -21.06 -0.24 -0.39
CA GLY C 70 -19.87 0.43 -0.89
C GLY C 70 -19.70 1.90 -0.57
N ILE C 71 -20.65 2.52 0.13
CA ILE C 71 -20.58 3.94 0.47
C ILE C 71 -19.87 4.11 1.82
N CYS C 72 -18.75 4.83 1.82
CA CYS C 72 -17.93 5.12 2.99
C CYS C 72 -17.93 6.63 3.26
N GLU C 73 -17.29 7.04 4.35
CA GLU C 73 -17.31 8.42 4.82
C GLU C 73 -15.96 8.75 5.47
N ILE C 74 -15.50 10.01 5.36
CA ILE C 74 -14.25 10.45 5.98
C ILE C 74 -14.45 11.80 6.67
N HIS C 75 -14.03 11.89 7.93
CA HIS C 75 -14.08 13.15 8.64
C HIS C 75 -12.70 13.74 8.64
N VAL C 76 -12.59 15.00 8.22
CA VAL C 76 -11.32 15.71 8.19
C VAL C 76 -10.63 15.61 9.55
N ALA C 77 -11.35 15.97 10.61
CA ALA C 77 -10.78 16.05 11.94
C ALA C 77 -10.34 14.69 12.48
N LYS C 78 -11.01 13.59 12.10
CA LYS C 78 -10.56 12.25 12.52
C LYS C 78 -9.25 11.86 11.85
N TYR C 79 -9.15 12.11 10.55
CA TYR C 79 -7.92 11.86 9.83
C TYR C 79 -6.74 12.60 10.47
N ALA C 80 -6.93 13.88 10.79
CA ALA C 80 -5.84 14.67 11.35
C ALA C 80 -5.30 14.10 12.66
N GLU C 81 -6.19 13.67 13.56
CA GLU C 81 -5.74 13.16 14.85
C GLU C 81 -5.01 11.83 14.67
N ILE C 82 -5.48 11.00 13.74
CA ILE C 82 -4.86 9.70 13.52
C ILE C 82 -3.42 9.87 13.07
N PHE C 83 -3.19 10.75 12.10
CA PHE C 83 -1.87 10.88 11.50
C PHE C 83 -1.10 12.12 11.96
N GLY C 84 -1.52 12.78 13.04
CA GLY C 84 -0.84 13.95 13.54
C GLY C 84 -0.55 15.07 12.55
N LEU C 85 -1.57 15.43 11.79
CA LEU C 85 -1.49 16.53 10.85
C LEU C 85 -2.39 17.63 11.38
N THR C 86 -2.19 18.84 10.88
CA THR C 86 -3.19 19.86 11.17
C THR C 86 -4.44 19.59 10.35
N SER C 87 -5.55 20.22 10.75
CA SER C 87 -6.79 20.10 10.01
C SER C 87 -6.65 20.64 8.59
N ALA C 88 -5.98 21.79 8.45
CA ALA C 88 -5.78 22.37 7.13
C ALA C 88 -5.06 21.39 6.21
N GLU C 89 -3.90 20.86 6.65
CA GLU C 89 -3.15 19.96 5.78
C GLU C 89 -3.89 18.64 5.58
N ALA C 90 -4.63 18.17 6.59
CA ALA C 90 -5.57 17.07 6.42
C ALA C 90 -6.56 17.37 5.30
N SER C 91 -7.23 18.51 5.39
CA SER C 91 -8.16 18.93 4.35
C SER C 91 -7.53 18.86 2.96
N LYS C 92 -6.31 19.40 2.83
CA LYS C 92 -5.57 19.39 1.58
C LYS C 92 -5.27 17.97 1.13
N ASP C 93 -4.86 17.11 2.06
CA ASP C 93 -4.49 15.76 1.65
C ASP C 93 -5.71 15.00 1.15
N ILE C 94 -6.81 15.00 1.92
CA ILE C 94 -8.01 14.32 1.47
C ILE C 94 -8.46 14.88 0.13
N ARG C 95 -8.58 16.21 0.04
CA ARG C 95 -9.12 16.80 -1.19
C ARG C 95 -8.33 16.42 -2.41
N GLN C 96 -7.01 16.54 -2.35
CA GLN C 96 -6.29 16.31 -3.58
C GLN C 96 -6.20 14.83 -3.91
N ALA C 97 -5.97 13.98 -2.92
CA ALA C 97 -6.06 12.53 -3.11
C ALA C 97 -7.37 12.14 -3.79
N LEU C 98 -8.49 12.68 -3.31
CA LEU C 98 -9.79 12.25 -3.81
C LEU C 98 -10.00 12.58 -5.27
N LYS C 99 -9.65 13.79 -5.69
CA LYS C 99 -9.84 14.10 -7.09
C LYS C 99 -8.80 13.41 -7.96
N SER C 100 -7.72 12.92 -7.36
CA SER C 100 -6.76 12.20 -8.17
C SER C 100 -7.11 10.74 -8.32
N PHE C 101 -8.21 10.27 -7.70
CA PHE C 101 -8.66 8.89 -7.90
C PHE C 101 -9.31 8.65 -9.26
N ALA C 102 -9.91 9.68 -9.84
CA ALA C 102 -10.65 9.58 -11.08
C ALA C 102 -9.80 8.96 -12.17
N GLY C 103 -10.34 7.96 -12.86
CA GLY C 103 -9.59 7.28 -13.90
C GLY C 103 -8.63 6.21 -13.46
N LYS C 104 -8.32 6.12 -12.16
CA LYS C 104 -7.48 5.05 -11.65
C LYS C 104 -8.18 3.69 -11.72
N GLU C 105 -7.39 2.64 -11.99
CA GLU C 105 -7.89 1.29 -12.23
C GLU C 105 -7.03 0.31 -11.43
N VAL C 106 -7.59 -0.88 -11.21
CA VAL C 106 -6.94 -1.92 -10.40
C VAL C 106 -6.99 -3.18 -11.24
N VAL C 107 -5.90 -3.95 -11.26
CA VAL C 107 -5.82 -5.16 -12.06
C VAL C 107 -5.47 -6.34 -11.16
N PHE C 108 -6.30 -7.39 -11.21
CA PHE C 108 -6.07 -8.68 -10.54
C PHE C 108 -5.75 -9.80 -11.54
N TYR C 109 -4.61 -10.49 -11.37
CA TYR C 109 -4.11 -11.46 -12.38
C TYR C 109 -4.52 -12.98 -12.31
N TYR C 121 -6.42 -11.82 -16.84
CA TYR C 121 -6.56 -10.72 -15.88
C TYR C 121 -7.87 -9.94 -16.04
N GLU C 122 -8.21 -9.17 -15.01
CA GLU C 122 -9.44 -8.41 -14.94
C GLU C 122 -9.15 -7.04 -14.31
N SER C 123 -9.54 -5.96 -14.99
CA SER C 123 -9.25 -4.57 -14.58
C SER C 123 -10.51 -3.84 -14.08
N PHE C 124 -10.40 -3.08 -12.97
CA PHE C 124 -11.56 -2.37 -12.39
C PHE C 124 -11.23 -0.95 -11.94
N PRO C 125 -12.20 -0.03 -12.02
CA PRO C 125 -12.05 1.27 -11.37
C PRO C 125 -12.36 1.28 -9.89
N TRP C 126 -11.60 2.10 -9.17
CA TRP C 126 -11.89 2.20 -7.75
C TRP C 126 -13.25 2.83 -7.53
N PHE C 127 -13.51 3.97 -8.15
CA PHE C 127 -14.74 4.71 -7.92
C PHE C 127 -15.68 4.67 -9.11
N ILE C 128 -16.98 4.67 -8.82
CA ILE C 128 -17.96 4.71 -9.90
C ILE C 128 -18.79 5.98 -9.87
N LYS C 129 -18.47 6.91 -8.97
CA LYS C 129 -19.12 8.21 -8.89
C LYS C 129 -18.14 9.13 -8.21
N PRO C 130 -18.10 10.40 -8.59
CA PRO C 130 -17.24 11.36 -7.90
C PRO C 130 -17.60 11.51 -6.43
N ALA C 131 -16.60 11.88 -5.63
CA ALA C 131 -16.79 12.26 -4.24
C ALA C 131 -17.58 13.57 -4.16
N HIS C 132 -18.16 13.80 -2.99
CA HIS C 132 -18.92 15.00 -2.74
C HIS C 132 -19.00 15.23 -1.23
N SER C 133 -19.19 16.49 -0.85
CA SER C 133 -19.20 16.84 0.56
C SER C 133 -20.60 17.29 1.01
N PRO C 134 -21.35 16.46 1.74
CA PRO C 134 -22.62 16.97 2.27
C PRO C 134 -22.42 18.01 3.36
N SER C 135 -21.43 17.81 4.24
CA SER C 135 -21.19 18.72 5.34
C SER C 135 -19.73 19.17 5.33
N ARG C 136 -19.50 20.35 5.92
CA ARG C 136 -18.14 20.88 6.07
C ARG C 136 -17.34 19.94 6.94
N GLY C 137 -16.19 19.49 6.45
CA GLY C 137 -15.36 18.58 7.20
C GLY C 137 -15.73 17.11 7.03
N LEU C 138 -16.52 16.78 6.01
CA LEU C 138 -17.10 15.45 5.82
C LEU C 138 -17.09 15.17 4.33
N TYR C 139 -16.61 13.97 3.93
CA TYR C 139 -16.63 13.56 2.53
C TYR C 139 -17.31 12.21 2.37
N SER C 140 -18.09 12.04 1.29
CA SER C 140 -18.77 10.79 0.99
C SER C 140 -18.29 10.20 -0.32
N VAL C 141 -17.98 8.90 -0.30
CA VAL C 141 -17.36 8.23 -1.43
C VAL C 141 -18.08 6.94 -1.77
N HIS C 142 -18.03 6.59 -3.06
CA HIS C 142 -18.74 5.45 -3.62
C HIS C 142 -17.73 4.46 -4.17
N ILE C 143 -17.30 3.52 -3.34
CA ILE C 143 -16.40 2.48 -3.84
C ILE C 143 -17.16 1.52 -4.73
N ASN C 144 -16.49 1.11 -5.85
CA ASN C 144 -16.95 0.10 -6.79
C ASN C 144 -17.32 -1.11 -5.96
N PRO C 145 -18.61 -1.39 -5.87
CA PRO C 145 -19.07 -2.53 -5.09
C PRO C 145 -18.51 -3.86 -5.54
N TYR C 146 -18.08 -4.00 -6.79
CA TYR C 146 -17.42 -5.26 -7.18
C TYR C 146 -16.08 -5.50 -6.52
N LEU C 147 -15.51 -4.49 -5.86
CA LEU C 147 -14.26 -4.67 -5.15
C LEU C 147 -14.41 -5.32 -3.79
N ILE C 148 -15.61 -5.25 -3.22
CA ILE C 148 -15.83 -5.79 -1.88
C ILE C 148 -15.30 -7.21 -1.73
N PRO C 149 -15.65 -8.15 -2.60
CA PRO C 149 -15.20 -9.52 -2.35
C PRO C 149 -13.70 -9.67 -2.37
N PHE C 150 -13.00 -8.81 -3.11
CA PHE C 150 -11.55 -8.83 -3.13
C PHE C 150 -10.96 -8.31 -1.84
N PHE C 151 -11.72 -7.49 -1.13
CA PHE C 151 -11.26 -6.96 0.13
C PHE C 151 -11.35 -7.99 1.22
N ILE C 152 -12.42 -8.78 1.22
CA ILE C 152 -12.71 -9.75 2.27
C ILE C 152 -12.70 -11.17 1.68
N GLY C 153 -11.74 -11.99 2.10
CA GLY C 153 -11.66 -13.37 1.64
C GLY C 153 -12.04 -14.44 2.67
N ARG C 157 -5.62 -17.45 3.92
CA ARG C 157 -5.20 -16.74 2.70
C ARG C 157 -5.41 -15.20 2.75
N PHE C 158 -4.83 -14.54 3.76
CA PHE C 158 -5.06 -13.14 4.08
C PHE C 158 -3.80 -12.50 4.70
N THR C 159 -3.76 -11.15 4.72
CA THR C 159 -2.63 -10.35 5.24
C THR C 159 -3.06 -9.45 6.39
N GLN C 160 -2.21 -9.29 7.42
CA GLN C 160 -2.61 -8.46 8.57
C GLN C 160 -1.42 -7.75 9.22
N PHE C 161 -1.69 -6.52 9.67
CA PHE C 161 -0.73 -5.62 10.29
C PHE C 161 -1.51 -4.51 11.01
N ARG C 162 -0.93 -3.98 12.11
CA ARG C 162 -1.51 -2.82 12.80
C ARG C 162 -1.15 -1.48 12.14
N LEU C 163 -2.07 -0.52 12.21
CA LEU C 163 -1.92 0.72 11.45
C LEU C 163 -0.73 1.55 11.92
N SER C 164 -0.37 1.44 13.20
CA SER C 164 0.81 2.13 13.70
C SER C 164 2.12 1.70 13.03
N GLU C 165 2.16 0.51 12.42
CA GLU C 165 3.37 0.04 11.73
C GLU C 165 3.74 0.87 10.47
N THR C 166 2.75 1.43 9.77
CA THR C 166 2.99 2.06 8.47
C THR C 166 2.77 3.56 8.49
N LYS C 167 2.30 4.12 9.58
CA LYS C 167 1.85 5.48 9.47
C LYS C 167 3.03 6.47 9.42
N GLU C 168 4.27 6.03 9.69
CA GLU C 168 5.41 6.92 9.50
C GLU C 168 6.12 6.75 8.15
N ILE C 169 5.77 5.70 7.38
CA ILE C 169 6.33 5.52 6.05
C ILE C 169 5.83 6.62 5.11
N THR C 170 6.75 7.14 4.29
CA THR C 170 6.49 8.18 3.31
C THR C 170 6.38 7.68 1.87
N ASN C 171 7.38 6.82 1.42
CA ASN C 171 7.37 6.37 0.03
C ASN C 171 6.33 5.29 -0.17
N PRO C 172 5.41 5.46 -1.12
CA PRO C 172 4.33 4.48 -1.29
C PRO C 172 4.80 3.12 -1.75
N TYR C 173 5.87 3.08 -2.57
CA TYR C 173 6.44 1.81 -2.99
C TYR C 173 6.96 1.04 -1.80
N ALA C 174 7.42 1.78 -0.81
CA ALA C 174 7.86 1.15 0.42
C ALA C 174 6.70 0.64 1.24
N MET C 175 5.57 1.35 1.20
CA MET C 175 4.36 0.75 1.76
C MET C 175 3.99 -0.55 1.06
N ARG C 176 4.10 -0.60 -0.27
N ARG C 176 4.12 -0.61 -0.27
CA ARG C 176 3.69 -1.81 -0.95
CA ARG C 176 3.69 -1.82 -0.95
C ARG C 176 4.60 -2.97 -0.60
C ARG C 176 4.61 -2.98 -0.62
N LEU C 177 5.88 -2.67 -0.32
CA LEU C 177 6.81 -3.72 0.06
C LEU C 177 6.51 -4.24 1.46
N TYR C 178 6.22 -3.34 2.41
CA TYR C 178 5.97 -3.83 3.75
C TYR C 178 4.69 -4.64 3.78
N GLU C 179 3.75 -4.30 2.89
CA GLU C 179 2.52 -5.07 2.85
C GLU C 179 2.83 -6.45 2.33
N SER C 180 3.72 -6.54 1.35
N SER C 180 3.67 -6.54 1.30
CA SER C 180 3.86 -7.85 0.72
CA SER C 180 3.95 -7.83 0.66
C SER C 180 4.83 -8.73 1.49
C SER C 180 4.77 -8.74 1.56
N LEU C 181 5.60 -8.17 2.44
CA LEU C 181 6.36 -9.01 3.36
C LEU C 181 5.45 -9.55 4.48
N CYS C 182 4.53 -8.73 4.98
CA CYS C 182 3.61 -9.19 6.01
C CYS C 182 2.82 -10.41 5.55
N GLN C 183 2.49 -10.48 4.26
CA GLN C 183 1.78 -11.63 3.72
C GLN C 183 2.46 -12.94 4.08
N TYR C 184 3.77 -12.92 4.33
CA TYR C 184 4.51 -14.12 4.66
C TYR C 184 5.02 -14.17 6.11
N ARG C 185 4.62 -13.22 6.95
CA ARG C 185 5.19 -13.17 8.29
C ARG C 185 4.67 -14.29 9.17
N LYS C 186 5.52 -14.76 10.11
CA LYS C 186 5.12 -15.75 11.09
C LYS C 186 4.68 -15.05 12.38
N PRO C 187 3.89 -15.73 13.20
CA PRO C 187 3.46 -15.15 14.49
C PRO C 187 4.59 -14.44 15.23
N ASP C 188 5.76 -15.08 15.34
CA ASP C 188 6.84 -14.48 16.12
C ASP C 188 7.35 -13.20 15.48
N GLY C 189 7.26 -13.10 14.17
CA GLY C 189 7.47 -11.81 13.58
C GLY C 189 8.52 -11.98 12.53
N SER C 190 8.93 -13.21 12.23
CA SER C 190 9.99 -13.40 11.25
C SER C 190 9.43 -14.06 9.99
N GLY C 191 10.20 -13.97 8.91
CA GLY C 191 9.90 -14.63 7.64
C GLY C 191 10.98 -14.39 6.61
N ILE C 192 10.84 -15.05 5.45
CA ILE C 192 11.77 -14.93 4.31
C ILE C 192 11.05 -15.21 2.98
N VAL C 193 11.29 -14.40 1.93
CA VAL C 193 10.58 -14.59 0.66
C VAL C 193 11.42 -14.07 -0.52
N SER C 194 11.27 -14.74 -1.68
CA SER C 194 11.93 -14.36 -2.93
C SER C 194 10.89 -13.88 -3.95
N LEU C 195 11.01 -12.61 -4.35
CA LEU C 195 10.16 -11.94 -5.33
C LEU C 195 10.88 -11.70 -6.67
N LYS C 196 10.18 -11.95 -7.78
CA LYS C 196 10.80 -11.70 -9.07
C LYS C 196 10.83 -10.24 -9.44
N ILE C 197 11.95 -9.81 -10.06
CA ILE C 197 12.11 -8.39 -10.35
C ILE C 197 11.10 -7.94 -11.38
N ASP C 198 10.91 -8.73 -12.45
CA ASP C 198 9.90 -8.35 -13.44
C ASP C 198 8.52 -8.23 -12.77
N TRP C 199 8.20 -9.13 -11.83
CA TRP C 199 6.91 -9.11 -11.11
C TRP C 199 6.78 -7.92 -10.16
N ILE C 200 7.87 -7.54 -9.50
CA ILE C 200 7.88 -6.34 -8.64
C ILE C 200 7.48 -5.12 -9.46
N ILE C 201 8.03 -5.01 -10.66
CA ILE C 201 7.80 -3.84 -11.48
C ILE C 201 6.36 -3.78 -11.94
N GLU C 202 5.80 -4.91 -12.39
N GLU C 202 5.80 -4.92 -12.38
CA GLU C 202 4.42 -4.94 -12.85
CA GLU C 202 4.43 -4.93 -12.84
C GLU C 202 3.46 -4.64 -11.70
C GLU C 202 3.45 -4.66 -11.71
N ARG C 203 3.64 -5.33 -10.57
CA ARG C 203 2.71 -5.22 -9.47
C ARG C 203 2.78 -3.85 -8.80
N TYR C 204 3.98 -3.32 -8.58
CA TYR C 204 4.04 -2.02 -7.91
C TYR C 204 3.97 -0.89 -8.89
N GLN C 205 3.91 -1.19 -10.19
N GLN C 205 3.92 -1.19 -10.19
CA GLN C 205 3.94 -0.20 -11.28
CA GLN C 205 3.94 -0.21 -11.27
C GLN C 205 4.97 0.88 -11.01
C GLN C 205 4.96 0.88 -11.02
N LEU C 206 6.25 0.49 -11.03
CA LEU C 206 7.37 1.39 -10.82
C LEU C 206 7.55 2.15 -12.12
N PRO C 207 8.04 3.38 -12.11
CA PRO C 207 8.12 4.07 -13.39
C PRO C 207 9.20 3.47 -14.27
N GLN C 208 9.07 3.75 -15.56
CA GLN C 208 9.75 2.92 -16.55
C GLN C 208 11.28 3.03 -16.42
N SER C 209 11.82 4.20 -16.04
CA SER C 209 13.28 4.30 -15.98
C SER C 209 13.94 3.43 -14.90
N TYR C 210 13.17 2.82 -13.99
CA TYR C 210 13.76 1.92 -12.99
C TYR C 210 13.96 0.49 -13.47
N GLN C 211 13.69 0.24 -14.74
CA GLN C 211 14.12 -0.97 -15.43
C GLN C 211 15.62 -1.01 -15.70
N ARG C 212 16.35 0.10 -15.54
CA ARG C 212 17.81 0.07 -15.52
C ARG C 212 18.19 -0.20 -14.08
N MET C 213 18.81 -1.35 -13.87
CA MET C 213 18.99 -1.88 -12.51
C MET C 213 19.72 -0.90 -11.57
N PRO C 214 20.76 -0.17 -11.98
CA PRO C 214 21.38 0.75 -11.02
C PRO C 214 20.44 1.84 -10.54
N ASP C 215 19.51 2.29 -11.37
CA ASP C 215 18.53 3.26 -10.88
C ASP C 215 17.53 2.57 -9.95
N PHE C 216 17.13 1.35 -10.28
CA PHE C 216 16.30 0.52 -9.42
C PHE C 216 16.92 0.39 -8.03
N ARG C 217 18.20 0.05 -7.99
CA ARG C 217 18.93 -0.01 -6.74
C ARG C 217 18.92 1.32 -6.00
N ARG C 218 19.28 2.40 -6.70
CA ARG C 218 19.62 3.64 -6.00
C ARG C 218 18.36 4.37 -5.53
N ARG C 219 17.31 4.41 -6.36
CA ARG C 219 16.14 5.25 -6.09
C ARG C 219 14.93 4.49 -5.55
N PHE C 220 14.91 3.16 -5.61
CA PHE C 220 13.81 2.36 -5.07
C PHE C 220 14.26 1.42 -3.98
N LEU C 221 15.15 0.49 -4.28
CA LEU C 221 15.49 -0.56 -3.33
C LEU C 221 16.15 -0.02 -2.05
N GLN C 222 17.27 0.69 -2.16
CA GLN C 222 17.97 1.16 -0.97
C GLN C 222 17.11 2.08 -0.13
N VAL C 223 16.35 2.96 -0.79
CA VAL C 223 15.56 3.93 -0.05
C VAL C 223 14.46 3.21 0.74
N CYS C 224 13.80 2.22 0.12
CA CYS C 224 12.67 1.57 0.78
C CYS C 224 13.13 0.62 1.87
N VAL C 225 14.28 -0.01 1.71
CA VAL C 225 14.79 -0.78 2.85
C VAL C 225 15.15 0.15 4.00
N ASN C 226 15.72 1.33 3.69
N ASN C 226 15.76 1.32 3.69
CA ASN C 226 16.16 2.25 4.74
CA ASN C 226 16.15 2.28 4.71
C ASN C 226 14.98 2.75 5.58
C ASN C 226 14.96 2.70 5.57
N GLU C 227 13.92 3.24 4.94
CA GLU C 227 12.72 3.65 5.67
C GLU C 227 12.16 2.56 6.58
N ILE C 228 11.96 1.35 6.06
CA ILE C 228 11.43 0.26 6.89
C ILE C 228 12.25 0.08 8.16
N ASN C 229 13.57 0.02 8.00
CA ASN C 229 14.47 -0.12 9.14
C ASN C 229 14.47 1.08 10.10
N SER C 230 14.08 2.28 9.63
CA SER C 230 14.12 3.50 10.45
C SER C 230 12.76 3.88 11.01
N ARG C 231 11.69 3.37 10.41
CA ARG C 231 10.33 3.84 10.66
C ARG C 231 9.37 2.73 11.06
N THR C 232 9.77 1.47 11.00
CA THR C 232 8.91 0.37 11.41
C THR C 232 9.65 -0.41 12.50
N PRO C 233 8.98 -1.35 13.17
CA PRO C 233 9.69 -2.21 14.11
C PRO C 233 10.43 -3.38 13.49
N MET C 234 10.39 -3.58 12.18
N MET C 234 10.43 -3.50 12.17
CA MET C 234 11.04 -4.74 11.62
CA MET C 234 11.02 -4.64 11.48
C MET C 234 12.45 -4.40 11.15
C MET C 234 12.48 -4.37 11.11
N ARG C 235 13.30 -5.42 11.21
CA ARG C 235 14.71 -5.33 10.83
C ARG C 235 14.90 -6.24 9.63
N LEU C 236 15.27 -5.66 8.50
CA LEU C 236 15.17 -6.24 7.18
C LEU C 236 16.56 -6.31 6.55
N SER C 237 16.87 -7.43 5.87
CA SER C 237 18.11 -7.58 5.10
C SER C 237 17.77 -8.20 3.75
N TYR C 238 18.73 -8.19 2.82
CA TYR C 238 18.46 -8.76 1.51
C TYR C 238 19.75 -9.20 0.84
N ILE C 239 19.56 -9.97 -0.24
CA ILE C 239 20.62 -10.43 -1.11
C ILE C 239 20.00 -10.58 -2.50
N GLU C 240 20.83 -10.46 -3.52
CA GLU C 240 20.42 -10.48 -4.91
C GLU C 240 20.64 -11.86 -5.52
N LYS C 241 19.68 -12.34 -6.31
CA LYS C 241 19.85 -13.60 -7.03
C LYS C 241 20.09 -13.28 -8.50
N LYS C 242 21.12 -13.91 -9.06
CA LYS C 242 21.51 -13.65 -10.43
C LYS C 242 21.45 -14.93 -11.26
N LYS C 243 21.35 -14.73 -12.58
CA LYS C 243 21.41 -15.78 -13.59
C LYS C 243 22.20 -15.22 -14.77
N GLY C 244 23.43 -15.69 -14.92
CA GLY C 244 24.32 -15.06 -15.86
C GLY C 244 24.68 -13.68 -15.36
N ARG C 245 24.55 -12.68 -16.23
CA ARG C 245 24.76 -11.28 -15.85
C ARG C 245 23.52 -10.62 -15.26
N GLN C 246 22.34 -11.20 -15.46
CA GLN C 246 21.11 -10.55 -15.02
C GLN C 246 20.75 -10.88 -13.59
N THR C 247 20.24 -9.87 -12.89
CA THR C 247 19.68 -10.07 -11.57
C THR C 247 18.19 -10.33 -11.79
N THR C 248 17.68 -11.46 -11.27
CA THR C 248 16.34 -11.93 -11.57
C THR C 248 15.36 -11.83 -10.39
N HIS C 249 15.81 -12.11 -9.16
CA HIS C 249 14.96 -12.05 -7.99
C HIS C 249 15.66 -11.28 -6.90
N ILE C 250 14.88 -10.88 -5.89
CA ILE C 250 15.43 -10.32 -4.67
C ILE C 250 14.95 -11.15 -3.49
N VAL C 251 15.88 -11.53 -2.62
CA VAL C 251 15.56 -12.38 -1.48
C VAL C 251 15.63 -11.57 -0.19
N PHE C 252 14.48 -11.44 0.48
CA PHE C 252 14.26 -10.63 1.68
C PHE C 252 14.20 -11.51 2.93
N SER C 253 14.95 -11.13 3.97
CA SER C 253 14.84 -11.73 5.30
C SER C 253 14.44 -10.70 6.35
N PHE C 254 13.61 -11.11 7.33
CA PHE C 254 13.20 -10.15 8.36
C PHE C 254 12.86 -10.81 9.70
N ARG C 255 12.96 -9.99 10.77
CA ARG C 255 12.54 -10.34 12.13
C ARG C 255 11.81 -9.14 12.76
N ASP C 256 11.28 -9.36 13.97
CA ASP C 256 10.56 -8.33 14.71
C ASP C 256 11.47 -7.86 15.85
N ILE C 257 11.44 -6.56 16.14
CA ILE C 257 12.27 -6.01 17.22
C ILE C 257 11.58 -6.21 18.57
MG MG D . 0.15 16.97 3.08
#